data_6NS1
#
_entry.id   6NS1
#
_cell.length_a   29.330
_cell.length_b   43.440
_cell.length_c   86.140
_cell.angle_alpha   90.00
_cell.angle_beta   90.46
_cell.angle_gamma   90.00
#
_symmetry.space_group_name_H-M   'P 1 21 1'
#
loop_
_entity.id
_entity.type
_entity.pdbx_description
1 polymer 'Dpr-interacting protein gamma'
2 branched 2-acetamido-2-deoxy-beta-D-glucopyranose-(1-4)-[alpha-L-fucopyranose-(1-6)]2-acetamido-2-deoxy-beta-D-glucopyranose
3 water water
#
_entity_poly.entity_id   1
_entity_poly.type   'polypeptide(L)'
_entity_poly.pdbx_seq_one_letter_code
;SRLDPDPEFIGFINNVTYPAGREAILACSVRNLGKNKVGWLRASDQTVLALQGRVVTHNARISVMHQDMHTWKLKISKLR
ESDRGCYMCQINTSPMKKQVGCIDVQVPPDIINEESSADLAVQEGEDATLTCKATGNPQPRVTWRREDGEMILIRKPGSR
ELMKVESYNGSSLRLLRLERRQMGAYLCIASNDVPPAVSKRVSLSVHHHHHHH
;
_entity_poly.pdbx_strand_id   A
#
loop_
_chem_comp.id
_chem_comp.type
_chem_comp.name
_chem_comp.formula
FUC L-saccharide, alpha linking alpha-L-fucopyranose 'C6 H12 O5'
NAG D-saccharide, beta linking 2-acetamido-2-deoxy-beta-D-glucopyranose 'C8 H15 N O6'
#
# COMPACT_ATOMS: atom_id res chain seq x y z
N LEU A 3 -37.39 32.76 7.41
CA LEU A 3 -36.86 31.42 7.26
C LEU A 3 -35.56 31.42 6.44
N ASP A 4 -34.47 31.95 7.01
CA ASP A 4 -33.17 31.80 6.36
C ASP A 4 -32.54 30.50 6.85
N PRO A 5 -32.49 29.47 6.02
CA PRO A 5 -32.51 28.08 6.52
C PRO A 5 -31.16 27.62 7.09
N ASP A 6 -31.17 26.37 7.53
CA ASP A 6 -30.05 25.71 8.17
C ASP A 6 -28.98 25.32 7.16
N PRO A 7 -27.75 25.09 7.62
CA PRO A 7 -26.70 24.61 6.71
C PRO A 7 -27.08 23.27 6.08
N GLU A 8 -26.57 23.04 4.87
CA GLU A 8 -26.83 21.82 4.14
C GLU A 8 -25.59 21.49 3.32
N PHE A 9 -25.30 20.19 3.17
CA PHE A 9 -24.24 19.78 2.27
C PHE A 9 -24.70 19.92 0.83
N ILE A 10 -23.84 20.49 -0.01
CA ILE A 10 -24.16 20.69 -1.42
C ILE A 10 -23.88 19.43 -2.23
N GLY A 11 -22.67 18.90 -2.12
CA GLY A 11 -22.37 17.68 -2.86
C GLY A 11 -22.10 16.53 -1.93
N PHE A 12 -21.09 15.74 -2.26
CA PHE A 12 -20.60 14.73 -1.34
C PHE A 12 -19.08 14.65 -1.46
N ILE A 13 -18.46 14.00 -0.48
CA ILE A 13 -17.02 13.77 -0.49
C ILE A 13 -16.76 12.43 -1.19
N ASN A 14 -16.18 12.48 -2.39
CA ASN A 14 -15.95 11.25 -3.13
C ASN A 14 -14.80 10.46 -2.50
N ASN A 15 -14.98 9.15 -2.36
CA ASN A 15 -13.86 8.27 -1.98
C ASN A 15 -12.72 8.44 -2.99
N VAL A 16 -11.46 8.47 -2.51
CA VAL A 16 -10.31 8.76 -3.36
C VAL A 16 -9.23 7.71 -3.14
N THR A 17 -8.30 7.64 -4.11
CA THR A 17 -7.13 6.76 -4.05
C THR A 17 -5.90 7.56 -4.45
N TYR A 18 -4.89 7.55 -3.58
CA TYR A 18 -3.61 8.19 -3.80
C TYR A 18 -2.49 7.20 -3.51
N PRO A 19 -1.38 7.29 -4.24
CA PRO A 19 -0.16 6.59 -3.79
C PRO A 19 0.43 7.28 -2.58
N ALA A 20 1.15 6.49 -1.78
CA ALA A 20 1.86 7.02 -0.63
C ALA A 20 2.84 8.11 -1.06
N GLY A 21 3.02 9.09 -0.19
CA GLY A 21 3.91 10.19 -0.43
C GLY A 21 3.26 11.39 -1.09
N ARG A 22 2.09 11.21 -1.70
CA ARG A 22 1.34 12.30 -2.28
C ARG A 22 0.58 13.09 -1.21
N GLU A 23 -0.09 14.16 -1.67
CA GLU A 23 -0.90 15.01 -0.81
C GLU A 23 -2.36 14.64 -1.07
N ALA A 24 -3.03 14.10 -0.06
CA ALA A 24 -4.44 13.77 -0.18
C ALA A 24 -5.30 14.99 0.10
N ILE A 25 -6.28 15.24 -0.76
CA ILE A 25 -7.23 16.33 -0.56
C ILE A 25 -8.64 15.77 -0.59
N LEU A 26 -9.42 16.09 0.46
CA LEU A 26 -10.85 15.84 0.52
C LEU A 26 -11.59 17.15 0.51
N ALA A 27 -12.67 17.22 -0.27
CA ALA A 27 -13.45 18.45 -0.44
C ALA A 27 -14.88 18.28 0.07
N CYS A 28 -15.32 19.24 0.88
CA CYS A 28 -16.64 19.26 1.51
C CYS A 28 -17.34 20.58 1.19
N SER A 29 -18.55 20.53 0.65
CA SER A 29 -19.26 21.73 0.20
CA SER A 29 -19.25 21.74 0.22
C SER A 29 -20.51 21.94 1.05
N VAL A 30 -20.67 23.15 1.58
CA VAL A 30 -21.83 23.45 2.39
C VAL A 30 -22.37 24.81 2.00
N ARG A 31 -23.70 24.92 2.03
CA ARG A 31 -24.39 26.16 1.76
C ARG A 31 -25.08 26.64 3.03
N ASN A 32 -25.27 27.95 3.11
CA ASN A 32 -26.02 28.60 4.19
C ASN A 32 -25.41 28.30 5.54
N LEU A 33 -24.08 28.34 5.60
CA LEU A 33 -23.39 28.03 6.86
C LEU A 33 -23.80 28.98 7.96
N GLY A 34 -23.93 30.27 7.64
CA GLY A 34 -24.35 31.24 8.62
C GLY A 34 -23.32 31.37 9.73
N LYS A 35 -23.78 31.15 10.97
CA LYS A 35 -22.92 31.25 12.14
C LYS A 35 -22.30 29.91 12.53
N ASN A 36 -22.67 28.84 11.85
CA ASN A 36 -22.18 27.51 12.20
C ASN A 36 -20.74 27.34 11.73
N LYS A 37 -20.14 26.22 12.13
CA LYS A 37 -18.72 25.95 11.89
C LYS A 37 -18.57 24.61 11.19
N VAL A 38 -17.56 24.52 10.33
CA VAL A 38 -17.23 23.29 9.61
C VAL A 38 -15.94 22.73 10.18
N GLY A 39 -15.99 21.48 10.64
CA GLY A 39 -14.82 20.83 11.17
C GLY A 39 -14.57 19.52 10.47
N TRP A 40 -13.36 18.99 10.65
CA TRP A 40 -13.01 17.66 10.19
C TRP A 40 -12.61 16.79 11.37
N LEU A 41 -13.02 15.53 11.31
CA LEU A 41 -12.65 14.55 12.32
C LEU A 41 -12.15 13.30 11.62
N ARG A 42 -11.24 12.58 12.28
CA ARG A 42 -10.88 11.26 11.79
C ARG A 42 -11.94 10.29 12.30
N ALA A 43 -12.55 9.53 11.38
CA ALA A 43 -13.73 8.76 11.76
C ALA A 43 -13.37 7.60 12.68
N SER A 44 -12.12 7.13 12.64
CA SER A 44 -11.71 5.96 13.41
C SER A 44 -11.83 6.21 14.90
N ASP A 45 -11.31 7.34 15.38
CA ASP A 45 -11.25 7.64 16.81
C ASP A 45 -12.01 8.91 17.18
N GLN A 46 -12.73 9.51 16.22
CA GLN A 46 -13.55 10.70 16.45
C GLN A 46 -12.72 11.90 16.92
N THR A 47 -11.40 11.86 16.76
CA THR A 47 -10.56 12.98 17.18
C THR A 47 -10.66 14.13 16.18
N VAL A 48 -10.60 15.35 16.69
CA VAL A 48 -10.80 16.54 15.86
C VAL A 48 -9.50 16.86 15.14
N LEU A 49 -9.55 16.90 13.81
CA LEU A 49 -8.41 17.38 13.02
C LEU A 49 -8.43 18.91 12.91
N ALA A 50 -9.58 19.47 12.58
CA ALA A 50 -9.60 20.91 12.35
C ALA A 50 -10.99 21.44 12.61
N LEU A 51 -11.06 22.72 12.92
CA LEU A 51 -12.33 23.42 13.06
C LEU A 51 -12.17 24.81 12.45
N GLN A 52 -13.06 25.15 11.53
CA GLN A 52 -12.94 26.40 10.77
C GLN A 52 -11.52 26.43 10.18
N GLY A 53 -10.77 27.51 10.34
CA GLY A 53 -9.48 27.66 9.75
C GLY A 53 -8.35 27.21 10.64
N ARG A 54 -8.67 26.59 11.78
CA ARG A 54 -7.67 26.20 12.75
C ARG A 54 -7.51 24.70 12.67
N VAL A 55 -6.26 24.25 12.59
CA VAL A 55 -5.93 22.84 12.68
C VAL A 55 -5.73 22.53 14.15
N VAL A 56 -6.51 21.59 14.65
CA VAL A 56 -6.54 21.33 16.09
C VAL A 56 -5.57 20.22 16.45
N THR A 57 -5.38 19.26 15.56
CA THR A 57 -4.40 18.21 15.81
C THR A 57 -2.99 18.77 15.71
N HIS A 58 -2.08 18.14 16.45
CA HIS A 58 -0.67 18.49 16.33
C HIS A 58 0.02 17.80 15.18
N ASN A 59 -0.71 17.02 14.38
CA ASN A 59 -0.14 16.33 13.22
C ASN A 59 0.33 17.38 12.22
N ALA A 60 1.65 17.46 12.02
CA ALA A 60 2.26 18.44 11.14
C ALA A 60 1.89 18.24 9.68
N ARG A 61 1.28 17.11 9.31
CA ARG A 61 0.98 16.83 7.92
C ARG A 61 -0.42 17.20 7.51
N ILE A 62 -1.22 17.76 8.43
CA ILE A 62 -2.63 18.03 8.20
C ILE A 62 -2.83 19.53 8.05
N SER A 63 -3.59 19.92 7.03
CA SER A 63 -3.91 21.32 6.77
C SER A 63 -5.36 21.41 6.31
N VAL A 64 -5.92 22.62 6.34
CA VAL A 64 -7.24 22.85 5.79
C VAL A 64 -7.18 24.05 4.86
N MET A 65 -8.07 24.06 3.87
CA MET A 65 -8.18 25.19 2.95
C MET A 65 -9.62 25.59 2.79
N HIS A 66 -9.81 26.81 2.32
CA HIS A 66 -11.16 27.34 2.15
C HIS A 66 -11.03 28.46 1.13
N GLN A 67 -11.01 28.10 -0.15
CA GLN A 67 -10.60 29.02 -1.21
C GLN A 67 -11.76 29.79 -1.80
N ASP A 68 -12.97 29.24 -1.73
CA ASP A 68 -14.19 29.94 -2.12
C ASP A 68 -15.17 29.82 -0.96
N MET A 69 -16.36 30.37 -1.13
CA MET A 69 -17.21 30.49 0.05
C MET A 69 -17.94 29.19 0.38
N HIS A 70 -18.03 28.23 -0.53
CA HIS A 70 -18.82 27.05 -0.22
C HIS A 70 -18.00 25.78 -0.03
N THR A 71 -16.69 25.82 -0.19
CA THR A 71 -15.91 24.59 -0.18
C THR A 71 -14.84 24.60 0.92
N TRP A 72 -14.81 23.53 1.70
CA TRP A 72 -13.80 23.33 2.72
C TRP A 72 -13.00 22.10 2.33
N LYS A 73 -11.67 22.20 2.43
CA LYS A 73 -10.82 21.06 2.10
C LYS A 73 -9.99 20.64 3.29
N LEU A 74 -9.82 19.34 3.42
CA LEU A 74 -8.83 18.75 4.30
C LEU A 74 -7.67 18.25 3.46
N LYS A 75 -6.44 18.50 3.93
CA LYS A 75 -5.21 18.14 3.20
C LYS A 75 -4.29 17.30 4.09
N ILE A 76 -3.85 16.16 3.58
CA ILE A 76 -2.91 15.29 4.29
C ILE A 76 -1.67 15.12 3.42
N SER A 77 -0.57 15.70 3.84
CA SER A 77 0.69 15.65 3.11
C SER A 77 1.45 14.37 3.43
N LYS A 78 2.36 14.02 2.52
CA LYS A 78 3.24 12.85 2.68
C LYS A 78 2.43 11.64 3.14
N LEU A 79 1.44 11.29 2.33
CA LEU A 79 0.44 10.31 2.70
C LEU A 79 1.07 8.97 3.04
N ARG A 80 0.59 8.35 4.13
CA ARG A 80 1.06 7.07 4.67
C ARG A 80 -0.08 6.06 4.75
N GLU A 81 0.31 4.79 4.83
CA GLU A 81 -0.67 3.73 5.03
C GLU A 81 -1.51 4.00 6.28
N SER A 82 -0.92 4.59 7.33
CA SER A 82 -1.69 4.84 8.54
C SER A 82 -2.78 5.90 8.33
N ASP A 83 -2.69 6.71 7.27
CA ASP A 83 -3.71 7.71 6.98
C ASP A 83 -4.93 7.12 6.32
N ARG A 84 -4.87 5.84 5.93
CA ARG A 84 -5.98 5.21 5.23
CA ARG A 84 -5.98 5.24 5.22
C ARG A 84 -7.23 5.25 6.10
N GLY A 85 -8.39 5.34 5.45
CA GLY A 85 -9.61 5.29 6.23
C GLY A 85 -10.50 6.46 5.90
N CYS A 86 -11.48 6.68 6.76
CA CYS A 86 -12.52 7.64 6.50
C CYS A 86 -12.34 8.87 7.38
N TYR A 87 -12.75 10.01 6.81
CA TYR A 87 -12.68 11.31 7.44
C TYR A 87 -14.05 11.94 7.30
N MET A 88 -14.43 12.71 8.31
CA MET A 88 -15.78 13.23 8.44
C MET A 88 -15.75 14.74 8.35
N CYS A 89 -16.51 15.29 7.40
CA CYS A 89 -16.86 16.71 7.42
C CYS A 89 -18.09 16.91 8.28
N GLN A 90 -18.01 17.81 9.27
CA GLN A 90 -19.07 17.99 10.25
C GLN A 90 -19.47 19.45 10.35
N ILE A 91 -20.77 19.70 10.32
CA ILE A 91 -21.33 21.02 10.62
C ILE A 91 -21.92 20.95 12.03
N ASN A 92 -21.58 21.90 12.88
CA ASN A 92 -22.07 21.91 14.26
C ASN A 92 -23.51 22.41 14.35
N THR A 93 -24.38 21.80 13.54
CA THR A 93 -25.80 21.95 13.77
C THR A 93 -26.20 21.12 14.98
N SER A 94 -27.46 21.25 15.38
CA SER A 94 -27.98 20.50 16.52
C SER A 94 -29.16 19.64 16.07
N PRO A 95 -28.99 18.32 15.90
CA PRO A 95 -27.71 17.62 16.06
C PRO A 95 -26.77 17.88 14.89
N MET A 96 -25.53 17.41 15.04
CA MET A 96 -24.49 17.62 14.04
C MET A 96 -24.85 16.96 12.71
N LYS A 97 -24.53 17.65 11.63
CA LYS A 97 -24.61 17.09 10.29
C LYS A 97 -23.21 16.63 9.87
N LYS A 98 -23.13 15.46 9.25
CA LYS A 98 -21.85 14.88 8.89
C LYS A 98 -21.91 14.24 7.51
N GLN A 99 -20.79 14.33 6.77
CA GLN A 99 -20.55 13.60 5.55
C GLN A 99 -19.19 12.93 5.65
N VAL A 100 -19.07 11.77 5.04
CA VAL A 100 -17.88 10.92 5.18
C VAL A 100 -17.20 10.74 3.83
N GLY A 101 -15.87 10.87 3.81
CA GLY A 101 -15.08 10.54 2.64
C GLY A 101 -13.87 9.70 3.01
N CYS A 102 -13.53 8.70 2.20
CA CYS A 102 -12.51 7.74 2.59
C CYS A 102 -11.36 7.73 1.59
N ILE A 103 -10.17 7.45 2.11
CA ILE A 103 -8.92 7.52 1.35
C ILE A 103 -8.33 6.12 1.30
N ASP A 104 -8.12 5.60 0.09
CA ASP A 104 -7.40 4.35 -0.11
C ASP A 104 -5.97 4.71 -0.49
N VAL A 105 -5.03 4.34 0.37
CA VAL A 105 -3.63 4.65 0.13
C VAL A 105 -2.99 3.48 -0.60
N GLN A 106 -2.49 3.72 -1.80
CA GLN A 106 -1.70 2.71 -2.50
C GLN A 106 -0.30 2.72 -1.93
N VAL A 107 0.24 1.53 -1.68
CA VAL A 107 1.53 1.44 -1.01
C VAL A 107 2.46 0.58 -1.86
N PRO A 108 3.65 1.06 -2.20
CA PRO A 108 4.61 0.24 -2.98
C PRO A 108 5.03 -1.00 -2.21
N PRO A 109 5.48 -2.04 -2.90
CA PRO A 109 5.67 -3.33 -2.23
C PRO A 109 6.82 -3.31 -1.23
N ASP A 110 6.67 -4.14 -0.20
CA ASP A 110 7.76 -4.51 0.71
C ASP A 110 7.93 -6.02 0.64
N ILE A 111 9.15 -6.47 0.85
CA ILE A 111 9.40 -7.89 1.09
C ILE A 111 9.59 -8.08 2.59
N ILE A 112 8.81 -8.99 3.17
CA ILE A 112 8.87 -9.28 4.59
C ILE A 112 10.07 -10.19 4.80
N ASN A 113 11.20 -9.59 5.20
CA ASN A 113 12.47 -10.33 5.26
C ASN A 113 12.38 -11.53 6.19
N GLU A 114 11.70 -11.38 7.32
CA GLU A 114 11.72 -12.43 8.33
C GLU A 114 10.79 -13.59 7.98
N GLU A 115 9.94 -13.43 6.97
CA GLU A 115 9.15 -14.52 6.41
C GLU A 115 9.73 -15.04 5.10
N SER A 116 10.84 -14.50 4.64
CA SER A 116 11.40 -14.85 3.36
C SER A 116 12.71 -15.61 3.55
N SER A 117 13.19 -16.20 2.47
CA SER A 117 14.37 -17.05 2.56
C SER A 117 15.64 -16.24 2.81
N ALA A 118 16.44 -16.68 3.77
CA ALA A 118 17.81 -16.23 3.90
C ALA A 118 18.73 -17.14 3.07
N ASP A 119 19.98 -16.69 2.90
CA ASP A 119 20.98 -17.51 2.23
C ASP A 119 20.96 -18.91 2.84
N LEU A 120 21.09 -19.92 1.98
CA LEU A 120 21.09 -21.29 2.45
C LEU A 120 22.05 -22.13 1.64
N ALA A 121 22.43 -23.25 2.25
CA ALA A 121 23.26 -24.25 1.61
C ALA A 121 22.54 -25.59 1.70
N VAL A 122 22.64 -26.39 0.64
CA VAL A 122 22.05 -27.72 0.62
C VAL A 122 23.02 -28.65 -0.06
N GLN A 123 22.85 -29.94 0.20
CA GLN A 123 23.58 -30.95 -0.53
C GLN A 123 22.92 -31.18 -1.88
N GLU A 124 23.74 -31.39 -2.91
CA GLU A 124 23.21 -31.78 -4.20
C GLU A 124 22.26 -32.97 -4.05
N GLY A 125 21.13 -32.92 -4.74
CA GLY A 125 20.06 -33.86 -4.56
C GLY A 125 18.90 -33.37 -3.72
N GLU A 126 19.13 -32.49 -2.75
CA GLU A 126 18.02 -32.04 -1.94
C GLU A 126 17.10 -31.13 -2.75
N ASP A 127 15.86 -31.05 -2.29
CA ASP A 127 14.95 -30.00 -2.74
C ASP A 127 15.16 -28.75 -1.90
N ALA A 128 14.87 -27.60 -2.51
CA ALA A 128 14.94 -26.36 -1.73
C ALA A 128 13.91 -25.42 -2.31
N THR A 129 13.15 -24.80 -1.42
CA THR A 129 12.15 -23.81 -1.80
C THR A 129 12.67 -22.45 -1.37
N LEU A 130 12.69 -21.50 -2.31
CA LEU A 130 13.07 -20.13 -2.03
C LEU A 130 11.80 -19.28 -2.02
N THR A 131 11.57 -18.55 -0.93
CA THR A 131 10.30 -17.86 -0.71
C THR A 131 10.54 -16.37 -0.49
N CYS A 132 9.76 -15.54 -1.18
CA CYS A 132 9.70 -14.10 -0.89
C CYS A 132 8.25 -13.74 -0.59
N LYS A 133 7.96 -13.42 0.66
CA LYS A 133 6.64 -12.97 1.05
C LYS A 133 6.60 -11.45 0.94
N ALA A 134 5.71 -10.95 0.11
CA ALA A 134 5.69 -9.52 -0.15
C ALA A 134 4.35 -8.92 0.31
N THR A 135 4.38 -7.64 0.64
CA THR A 135 3.20 -6.92 1.06
C THR A 135 3.08 -5.62 0.27
N GLY A 136 1.85 -5.10 0.21
CA GLY A 136 1.62 -3.82 -0.43
C GLY A 136 0.15 -3.69 -0.78
N ASN A 137 -0.17 -2.54 -1.38
CA ASN A 137 -1.53 -2.26 -1.83
C ASN A 137 -1.54 -1.59 -3.20
N PRO A 138 -2.00 -2.28 -4.26
CA PRO A 138 -2.52 -3.64 -4.32
C PRO A 138 -1.50 -4.72 -3.89
N GLN A 139 -1.97 -5.92 -3.64
CA GLN A 139 -1.07 -7.00 -3.24
C GLN A 139 -0.05 -7.26 -4.36
N PRO A 140 1.24 -7.29 -4.05
CA PRO A 140 2.24 -7.44 -5.12
C PRO A 140 2.24 -8.85 -5.70
N ARG A 141 2.75 -8.94 -6.91
CA ARG A 141 3.13 -10.22 -7.49
C ARG A 141 4.65 -10.37 -7.39
N VAL A 142 5.11 -11.61 -7.34
CA VAL A 142 6.53 -11.91 -7.18
C VAL A 142 7.02 -12.67 -8.40
N THR A 143 8.18 -12.27 -8.93
CA THR A 143 8.86 -13.03 -9.96
C THR A 143 10.24 -13.41 -9.46
N TRP A 144 10.72 -14.58 -9.91
CA TRP A 144 12.04 -15.08 -9.57
C TRP A 144 12.89 -15.18 -10.82
N ARG A 145 14.17 -14.83 -10.70
CA ARG A 145 15.12 -15.00 -11.78
C ARG A 145 16.51 -15.14 -11.17
N ARG A 146 17.41 -15.75 -11.93
CA ARG A 146 18.82 -15.76 -11.56
C ARG A 146 19.43 -14.41 -11.88
N GLU A 147 20.24 -13.91 -10.95
CA GLU A 147 21.03 -12.72 -11.16
C GLU A 147 21.91 -12.82 -12.41
N ASP A 148 22.41 -14.01 -12.73
CA ASP A 148 23.27 -14.15 -13.89
C ASP A 148 22.49 -14.44 -15.17
N GLY A 149 21.16 -14.30 -15.14
CA GLY A 149 20.35 -14.47 -16.32
C GLY A 149 20.22 -15.88 -16.85
N GLU A 150 20.84 -16.87 -16.21
CA GLU A 150 20.72 -18.25 -16.68
C GLU A 150 19.35 -18.81 -16.31
N MET A 151 18.92 -19.83 -17.05
CA MET A 151 17.59 -20.37 -16.86
C MET A 151 17.51 -21.16 -15.54
N ILE A 152 16.28 -21.28 -15.03
CA ILE A 152 15.99 -21.93 -13.76
C ILE A 152 15.27 -23.24 -14.02
N LEU A 153 15.64 -24.29 -13.27
CA LEU A 153 14.98 -25.58 -13.40
C LEU A 153 13.84 -25.69 -12.40
N ILE A 154 12.62 -25.89 -12.88
CA ILE A 154 11.44 -26.14 -12.06
C ILE A 154 10.72 -27.39 -12.55
N ARG A 155 9.77 -27.86 -11.74
CA ARG A 155 8.94 -29.00 -12.12
C ARG A 155 8.28 -28.79 -13.47
N LYS A 156 8.36 -29.81 -14.31
CA LYS A 156 7.56 -29.86 -15.54
C LYS A 156 6.13 -30.18 -15.14
N PRO A 157 5.15 -29.32 -15.46
CA PRO A 157 3.83 -29.44 -14.84
C PRO A 157 3.21 -30.82 -15.05
N GLY A 158 2.60 -31.34 -13.99
CA GLY A 158 2.00 -32.66 -13.99
C GLY A 158 2.96 -33.80 -13.90
N SER A 159 4.23 -33.58 -14.22
CA SER A 159 5.25 -34.63 -14.35
C SER A 159 6.19 -34.62 -13.15
N ARG A 160 7.07 -35.61 -13.12
CA ARG A 160 8.13 -35.68 -12.13
C ARG A 160 9.45 -35.11 -12.65
N GLU A 161 9.53 -34.81 -13.94
CA GLU A 161 10.75 -34.31 -14.54
C GLU A 161 10.87 -32.80 -14.35
N LEU A 162 12.03 -32.25 -14.68
CA LEU A 162 12.26 -30.83 -14.55
C LEU A 162 12.30 -30.18 -15.93
N MET A 163 12.10 -28.87 -15.96
CA MET A 163 12.15 -28.11 -17.19
C MET A 163 12.76 -26.75 -16.90
N LYS A 164 13.51 -26.25 -17.88
CA LYS A 164 14.16 -24.95 -17.79
C LYS A 164 13.16 -23.84 -18.11
N VAL A 165 13.20 -22.77 -17.29
CA VAL A 165 12.40 -21.58 -17.55
C VAL A 165 13.28 -20.34 -17.41
N GLU A 166 12.88 -19.26 -18.10
CA GLU A 166 13.63 -18.01 -18.02
C GLU A 166 13.39 -17.34 -16.69
N SER A 167 12.20 -17.51 -16.13
CA SER A 167 11.83 -16.88 -14.88
C SER A 167 10.62 -17.62 -14.37
N TYR A 168 10.31 -17.41 -13.09
CA TYR A 168 9.17 -18.06 -12.45
C TYR A 168 8.31 -17.02 -11.73
N ASN A 169 6.99 -17.06 -11.96
CA ASN A 169 6.04 -16.14 -11.37
C ASN A 169 5.35 -16.83 -10.18
N GLY A 170 5.62 -16.33 -8.98
CA GLY A 170 5.16 -16.96 -7.76
C GLY A 170 6.06 -16.61 -6.60
N SER A 171 5.48 -16.67 -5.39
CA SER A 171 6.22 -16.31 -4.18
C SER A 171 7.27 -17.34 -3.82
N SER A 172 6.97 -18.61 -4.03
CA SER A 172 7.87 -19.71 -3.70
C SER A 172 8.42 -20.34 -4.97
N LEU A 173 9.74 -20.26 -5.14
CA LEU A 173 10.44 -20.93 -6.21
C LEU A 173 10.85 -22.30 -5.69
N ARG A 174 10.25 -23.36 -6.22
CA ARG A 174 10.45 -24.72 -5.72
C ARG A 174 11.46 -25.45 -6.58
N LEU A 175 12.69 -25.57 -6.09
CA LEU A 175 13.75 -26.28 -6.78
C LEU A 175 13.81 -27.72 -6.28
N LEU A 176 13.92 -28.65 -7.21
CA LEU A 176 13.88 -30.08 -6.92
C LEU A 176 15.20 -30.74 -7.29
N ARG A 177 15.66 -31.64 -6.43
CA ARG A 177 16.85 -32.45 -6.66
C ARG A 177 17.99 -31.61 -7.25
N LEU A 178 18.45 -30.66 -6.44
CA LEU A 178 19.35 -29.63 -6.93
C LEU A 178 20.67 -30.20 -7.46
N GLU A 179 21.12 -29.65 -8.57
CA GLU A 179 22.43 -29.88 -9.16
C GLU A 179 23.39 -28.78 -8.72
N ARG A 180 24.68 -29.11 -8.64
CA ARG A 180 25.63 -28.11 -8.16
C ARG A 180 25.61 -26.84 -8.99
N ARG A 181 25.37 -26.94 -10.30
CA ARG A 181 25.35 -25.75 -11.16
C ARG A 181 24.15 -24.84 -10.91
N GLN A 182 23.15 -25.30 -10.17
CA GLN A 182 22.06 -24.41 -9.77
C GLN A 182 22.43 -23.45 -8.64
N MET A 183 23.63 -23.60 -8.06
CA MET A 183 24.10 -22.63 -7.08
C MET A 183 24.15 -21.23 -7.69
N GLY A 184 24.21 -20.24 -6.83
CA GLY A 184 24.33 -18.86 -7.26
C GLY A 184 23.23 -18.00 -6.66
N ALA A 185 23.14 -16.78 -7.16
CA ALA A 185 22.25 -15.77 -6.59
C ALA A 185 20.91 -15.77 -7.31
N TYR A 186 19.84 -15.86 -6.53
CA TYR A 186 18.47 -15.80 -7.04
C TYR A 186 17.83 -14.48 -6.59
N LEU A 187 17.14 -13.82 -7.51
CA LEU A 187 16.55 -12.52 -7.25
C LEU A 187 15.05 -12.64 -7.31
N CYS A 188 14.37 -12.27 -6.23
CA CYS A 188 12.92 -12.18 -6.25
C CYS A 188 12.52 -10.71 -6.34
N ILE A 189 11.60 -10.40 -7.24
CA ILE A 189 11.21 -9.02 -7.46
C ILE A 189 9.72 -8.95 -7.23
N ALA A 190 9.29 -8.03 -6.35
CA ALA A 190 7.89 -7.84 -6.02
C ALA A 190 7.41 -6.51 -6.60
N SER A 191 6.29 -6.55 -7.30
N SER A 191 6.29 -6.55 -7.30
CA SER A 191 5.76 -5.33 -7.91
CA SER A 191 5.75 -5.38 -7.99
C SER A 191 4.24 -5.34 -7.84
C SER A 191 4.23 -5.36 -7.85
N ASN A 192 3.68 -4.14 -7.74
CA ASN A 192 2.22 -3.97 -7.82
C ASN A 192 1.82 -2.74 -8.62
N ASP A 193 2.68 -2.26 -9.52
CA ASP A 193 2.49 -1.05 -10.33
C ASP A 193 2.38 0.22 -9.51
N VAL A 194 2.74 0.19 -8.24
CA VAL A 194 3.00 1.40 -7.46
C VAL A 194 4.52 1.45 -7.23
N PRO A 195 5.25 2.31 -7.94
CA PRO A 195 6.72 2.26 -7.91
C PRO A 195 7.27 2.80 -6.61
N PRO A 196 8.48 2.38 -6.18
CA PRO A 196 9.30 1.40 -6.93
C PRO A 196 8.93 -0.04 -6.59
N ALA A 197 9.35 -0.98 -7.42
CA ALA A 197 9.28 -2.38 -7.03
C ALA A 197 10.34 -2.64 -5.96
N VAL A 198 10.45 -3.88 -5.49
CA VAL A 198 11.41 -4.19 -4.43
C VAL A 198 11.96 -5.59 -4.70
N SER A 199 13.24 -5.80 -4.37
CA SER A 199 13.83 -7.11 -4.63
C SER A 199 14.58 -7.62 -3.40
N LYS A 200 14.71 -8.94 -3.31
CA LYS A 200 15.58 -9.57 -2.33
C LYS A 200 16.49 -10.54 -3.06
N ARG A 201 17.76 -10.56 -2.67
CA ARG A 201 18.78 -11.39 -3.28
C ARG A 201 19.02 -12.57 -2.35
N VAL A 202 18.85 -13.79 -2.86
CA VAL A 202 18.99 -15.00 -2.07
C VAL A 202 20.09 -15.83 -2.69
N SER A 203 21.12 -16.11 -1.91
CA SER A 203 22.28 -16.84 -2.39
C SER A 203 22.15 -18.31 -1.99
N LEU A 204 22.18 -19.19 -2.98
CA LEU A 204 22.06 -20.63 -2.77
C LEU A 204 23.41 -21.30 -3.02
N SER A 205 23.89 -22.05 -2.03
CA SER A 205 25.07 -22.88 -2.18
C SER A 205 24.66 -24.35 -2.26
N VAL A 206 25.30 -25.10 -3.15
CA VAL A 206 24.98 -26.52 -3.38
C VAL A 206 26.27 -27.31 -3.34
N HIS A 207 26.40 -28.19 -2.35
CA HIS A 207 27.67 -28.86 -2.12
C HIS A 207 27.53 -30.36 -2.29
N HIS A 208 28.68 -31.03 -2.27
CA HIS A 208 28.72 -32.50 -2.38
C HIS A 208 28.18 -33.19 -1.13
N HIS A 209 28.39 -32.58 0.02
CA HIS A 209 27.96 -33.15 1.31
C1 NAG B . -16.36 4.67 0.61
C2 NAG B . -17.65 3.85 0.29
C3 NAG B . -18.12 3.06 1.51
C4 NAG B . -17.00 2.25 2.14
C5 NAG B . -15.86 3.20 2.49
C6 NAG B . -14.67 2.53 3.13
C7 NAG B . -19.09 4.79 -1.46
C8 NAG B . -20.20 5.74 -1.77
N2 NAG B . -18.70 4.73 -0.18
O3 NAG B . -19.17 2.17 1.13
O4 NAG B . -17.48 1.58 3.30
O5 NAG B . -15.39 3.82 1.28
O6 NAG B . -14.42 1.25 2.58
O7 NAG B . -18.56 4.11 -2.34
C1 NAG B . -17.18 0.15 3.25
C2 NAG B . -17.14 -0.40 4.69
C3 NAG B . -16.85 -1.91 4.67
C4 NAG B . -17.79 -2.64 3.73
C5 NAG B . -17.78 -1.99 2.35
C6 NAG B . -18.77 -2.62 1.39
C7 NAG B . -16.41 1.34 6.27
C8 NAG B . -15.25 1.92 7.02
N2 NAG B . -16.14 0.30 5.48
O3 NAG B . -17.00 -2.41 6.00
O4 NAG B . -17.38 -3.99 3.60
O5 NAG B . -18.13 -0.60 2.48
O6 NAG B . -20.02 -1.94 1.43
O7 NAG B . -17.55 1.79 6.37
C1 FUC B . -13.03 1.16 2.22
C2 FUC B . -12.75 -0.32 1.84
C3 FUC B . -13.28 -0.68 0.43
C4 FUC B . -12.94 0.40 -0.61
C5 FUC B . -13.40 1.75 -0.11
C6 FUC B . -13.09 2.90 -1.05
O2 FUC B . -13.29 -1.20 2.82
O3 FUC B . -12.68 -1.88 -0.02
O4 FUC B . -11.53 0.43 -0.82
O5 FUC B . -12.75 2.06 1.16
#